data_7WQS
#
_entry.id   7WQS
#
_cell.length_a   48.949
_cell.length_b   49.428
_cell.length_c   83.269
_cell.angle_alpha   74.660
_cell.angle_beta   74.350
_cell.angle_gamma   61.690
#
_symmetry.space_group_name_H-M   'P 1'
#
loop_
_entity.id
_entity.type
_entity.pdbx_description
1 polymer 'Aldo-keto reductase family 1 member C3'
2 non-polymer 'NADP NICOTINAMIDE-ADENINE-DINUCLEOTIDE PHOSPHATE'
3 non-polymer 2-[(3,5-dimethyl-1,2-oxazol-4-yl)methoxy]-~{N}-(3-methoxyphenyl)benzamide
4 water water
#
_entity_poly.entity_id   1
_entity_poly.type   'polypeptide(L)'
_entity_poly.pdbx_seq_one_letter_code
;MHHHHHHDSKHQCVKLNDGHFMPVLGFGTYAPPEVPRSKALEVTKLAIEAGFRHIDSAHLYNNEEQVGLAIRSKIADGSV
KREDIFYTSKLWSTFHRPELVRPALENSLKKAQLDYVDLYLIHSPMSLKPGEELSPTDENGKVIFDIVDLCTTWEAMEKC
KDAGLAKSIGVSNFNRRQLEMILNKPGLKYKPVCNQVECHPYFNRSKLLDFCKSKDIVLVAYSALGSQRDKRWVDPNSPV
LLEDPVLCALAKKHKRTPALIALRYQLQRGVVVLAKSYNEQRIRQNVQVFEFQLTAEDMKAIDGLDRNLHYFNSDSFASH
PNYPYSDEY
;
_entity_poly.pdbx_strand_id   A,B
#
# COMPACT_ATOMS: atom_id res chain seq x y z
N GLN A 12 -31.38 -11.63 5.67
CA GLN A 12 -30.58 -10.58 5.04
C GLN A 12 -29.53 -11.21 4.13
N CYS A 13 -29.85 -11.29 2.84
CA CYS A 13 -29.06 -12.04 1.89
C CYS A 13 -28.79 -11.19 0.65
N VAL A 14 -27.83 -11.66 -0.15
CA VAL A 14 -27.48 -11.07 -1.47
C VAL A 14 -27.74 -12.16 -2.50
N LYS A 15 -28.36 -11.83 -3.61
CA LYS A 15 -28.59 -12.79 -4.69
C LYS A 15 -27.31 -12.97 -5.52
N LEU A 16 -26.89 -14.23 -5.68
CA LEU A 16 -25.71 -14.55 -6.45
C LEU A 16 -26.03 -14.63 -7.94
N ASN A 17 -24.97 -14.62 -8.76
CA ASN A 17 -25.16 -14.61 -10.21
C ASN A 17 -25.69 -15.93 -10.77
N ASP A 18 -25.83 -16.97 -9.96
CA ASP A 18 -26.49 -18.19 -10.39
C ASP A 18 -27.91 -18.30 -9.88
N GLY A 19 -28.41 -17.27 -9.18
CA GLY A 19 -29.78 -17.24 -8.70
C GLY A 19 -29.95 -17.65 -7.25
N HIS A 20 -28.94 -18.23 -6.64
CA HIS A 20 -29.03 -18.60 -5.23
C HIS A 20 -28.75 -17.39 -4.34
N PHE A 21 -29.15 -17.50 -3.08
CA PHE A 21 -29.02 -16.41 -2.11
C PHE A 21 -28.01 -16.79 -1.03
N MET A 22 -27.25 -15.79 -0.59
CA MET A 22 -26.20 -16.00 0.41
C MET A 22 -26.40 -14.99 1.53
N PRO A 23 -26.53 -15.44 2.79
CA PRO A 23 -26.61 -14.48 3.90
C PRO A 23 -25.35 -13.64 3.98
N VAL A 24 -25.54 -12.35 4.30
CA VAL A 24 -24.42 -11.40 4.23
C VAL A 24 -23.49 -11.48 5.43
N LEU A 25 -23.89 -12.16 6.49
CA LEU A 25 -23.05 -12.36 7.67
C LEU A 25 -22.79 -13.86 7.83
N GLY A 26 -21.52 -14.23 7.88
CA GLY A 26 -21.14 -15.63 7.97
C GLY A 26 -20.30 -15.91 9.21
N PHE A 27 -20.42 -17.14 9.71
CA PHE A 27 -19.68 -17.57 10.89
C PHE A 27 -18.41 -18.29 10.48
N GLY A 28 -17.26 -17.74 10.87
CA GLY A 28 -15.98 -18.39 10.58
C GLY A 28 -15.69 -19.47 11.60
N THR A 29 -15.35 -20.67 11.10
CA THR A 29 -15.21 -21.83 11.96
C THR A 29 -13.76 -22.24 12.22
N TYR A 30 -12.78 -21.61 11.59
CA TYR A 30 -11.40 -22.06 11.78
C TYR A 30 -10.91 -21.73 13.18
N ALA A 31 -10.31 -22.72 13.83
CA ALA A 31 -9.56 -22.58 15.07
C ALA A 31 -8.23 -23.28 14.89
N PRO A 32 -7.17 -22.79 15.54
CA PRO A 32 -5.86 -23.45 15.44
C PRO A 32 -5.95 -24.87 15.95
N PRO A 33 -5.03 -25.75 15.52
CA PRO A 33 -5.11 -27.16 15.95
C PRO A 33 -4.98 -27.34 17.45
N GLU A 34 -4.51 -26.33 18.17
CA GLU A 34 -4.43 -26.44 19.62
C GLU A 34 -5.80 -26.37 20.27
N VAL A 35 -6.79 -25.84 19.58
CA VAL A 35 -8.16 -25.80 20.11
C VAL A 35 -8.81 -27.17 19.90
N PRO A 36 -9.37 -27.77 20.95
CA PRO A 36 -9.97 -29.10 20.81
C PRO A 36 -11.15 -29.09 19.85
N ARG A 37 -11.30 -30.20 19.12
CA ARG A 37 -12.33 -30.29 18.09
C ARG A 37 -13.73 -30.14 18.65
N SER A 38 -13.92 -30.50 19.93
CA SER A 38 -15.24 -30.40 20.53
C SER A 38 -15.72 -28.96 20.61
N LYS A 39 -14.80 -27.99 20.64
CA LYS A 39 -15.21 -26.59 20.71
C LYS A 39 -15.90 -26.14 19.43
N ALA A 40 -15.40 -26.59 18.27
CA ALA A 40 -16.04 -26.26 17.00
C ALA A 40 -17.49 -26.73 16.97
N LEU A 41 -17.75 -27.90 17.57
CA LEU A 41 -19.13 -28.38 17.69
C LEU A 41 -19.95 -27.46 18.58
N GLU A 42 -19.39 -27.08 19.73
CA GLU A 42 -20.11 -26.25 20.69
C GLU A 42 -20.43 -24.88 20.10
N VAL A 43 -19.43 -24.20 19.53
CA VAL A 43 -19.62 -22.81 19.13
C VAL A 43 -20.43 -22.69 17.85
N THR A 44 -20.41 -23.70 16.98
CA THR A 44 -21.26 -23.65 15.79
C THR A 44 -22.73 -23.76 16.17
N LYS A 45 -23.05 -24.59 17.17
CA LYS A 45 -24.39 -24.58 17.75
C LYS A 45 -24.74 -23.19 18.29
N LEU A 46 -23.82 -22.60 19.07
CA LEU A 46 -24.06 -21.27 19.61
C LEU A 46 -24.28 -20.25 18.50
N ALA A 47 -23.50 -20.34 17.41
CA ALA A 47 -23.67 -19.42 16.30
C ALA A 47 -25.07 -19.51 15.72
N ILE A 48 -25.55 -20.74 15.46
CA ILE A 48 -26.91 -20.93 14.96
C ILE A 48 -27.92 -20.43 15.99
N GLU A 49 -27.68 -20.73 17.27
CA GLU A 49 -28.54 -20.21 18.33
C GLU A 49 -28.63 -18.69 18.29
N ALA A 50 -27.51 -18.02 18.03
CA ALA A 50 -27.48 -16.56 18.01
C ALA A 50 -28.13 -15.98 16.76
N GLY A 51 -28.32 -16.78 15.72
CA GLY A 51 -28.94 -16.31 14.49
C GLY A 51 -28.06 -16.38 13.26
N PHE A 52 -26.83 -16.89 13.36
CA PHE A 52 -26.03 -17.14 12.17
C PHE A 52 -26.70 -18.20 11.32
N ARG A 53 -26.69 -18.00 10.02
CA ARG A 53 -27.15 -19.01 9.07
C ARG A 53 -26.14 -19.33 7.99
N HIS A 54 -25.15 -18.47 7.77
CA HIS A 54 -24.05 -18.71 6.85
C HIS A 54 -22.88 -19.25 7.66
N ILE A 55 -22.42 -20.46 7.32
CA ILE A 55 -21.38 -21.15 8.07
C ILE A 55 -20.24 -21.49 7.11
N ASP A 56 -19.04 -21.01 7.41
CA ASP A 56 -17.88 -21.13 6.53
C ASP A 56 -16.92 -22.16 7.08
N SER A 57 -16.75 -23.26 6.35
CA SER A 57 -15.79 -24.30 6.73
C SER A 57 -14.90 -24.66 5.56
N ALA A 58 -14.08 -25.70 5.72
CA ALA A 58 -13.14 -26.14 4.70
C ALA A 58 -12.54 -27.46 5.11
N HIS A 59 -12.11 -28.25 4.11
CA HIS A 59 -11.38 -29.48 4.40
C HIS A 59 -10.12 -29.20 5.22
N LEU A 60 -9.47 -28.06 4.94
CA LEU A 60 -8.25 -27.71 5.65
C LEU A 60 -8.47 -27.56 7.15
N TYR A 61 -9.67 -27.14 7.55
CA TYR A 61 -9.89 -26.72 8.94
C TYR A 61 -9.97 -27.88 9.92
N ASN A 62 -10.05 -29.12 9.44
CA ASN A 62 -10.18 -30.30 10.30
C ASN A 62 -11.34 -30.14 11.28
N ASN A 63 -12.46 -29.58 10.79
CA ASN A 63 -13.62 -29.42 11.65
C ASN A 63 -14.95 -29.72 10.96
N GLU A 64 -14.95 -30.20 9.71
CA GLU A 64 -16.19 -30.35 8.97
C GLU A 64 -17.14 -31.35 9.63
N GLU A 65 -16.59 -32.36 10.31
CA GLU A 65 -17.45 -33.30 11.03
C GLU A 65 -18.15 -32.61 12.20
N GLN A 66 -17.42 -31.76 12.93
CA GLN A 66 -18.01 -31.08 14.07
C GLN A 66 -19.02 -30.03 13.63
N VAL A 67 -18.69 -29.27 12.57
CA VAL A 67 -19.64 -28.30 12.05
C VAL A 67 -20.89 -29.00 11.53
N GLY A 68 -20.72 -30.13 10.84
CA GLY A 68 -21.87 -30.88 10.37
C GLY A 68 -22.71 -31.42 11.51
N LEU A 69 -22.06 -31.88 12.58
CA LEU A 69 -22.80 -32.37 13.75
C LEU A 69 -23.64 -31.26 14.37
N ALA A 70 -23.10 -30.03 14.41
CA ALA A 70 -23.84 -28.92 15.00
C ALA A 70 -25.05 -28.55 14.16
N ILE A 71 -24.89 -28.49 12.84
CA ILE A 71 -26.03 -28.24 11.96
C ILE A 71 -27.10 -29.31 12.15
N ARG A 72 -26.66 -30.56 12.19
CA ARG A 72 -27.55 -31.73 12.37
C ARG A 72 -28.29 -31.60 13.71
N SER A 73 -27.59 -31.19 14.75
CA SER A 73 -28.20 -31.08 16.07
C SER A 73 -29.25 -29.98 16.11
N LYS A 74 -28.96 -28.83 15.47
CA LYS A 74 -29.92 -27.75 15.44
C LYS A 74 -31.10 -28.05 14.53
N ILE A 75 -30.95 -28.96 13.57
CA ILE A 75 -32.11 -29.40 12.81
C ILE A 75 -32.95 -30.36 13.63
N ALA A 76 -32.32 -31.20 14.46
CA ALA A 76 -33.05 -32.20 15.24
C ALA A 76 -33.85 -31.55 16.36
N ASP A 77 -33.32 -30.51 17.00
CA ASP A 77 -34.08 -29.83 18.04
C ASP A 77 -35.06 -28.81 17.48
N GLY A 78 -35.23 -28.76 16.16
CA GLY A 78 -36.22 -27.89 15.55
C GLY A 78 -35.87 -26.43 15.51
N SER A 79 -34.60 -26.08 15.71
CA SER A 79 -34.20 -24.67 15.64
C SER A 79 -34.17 -24.19 14.20
N VAL A 80 -33.84 -25.07 13.26
CA VAL A 80 -33.52 -24.66 11.90
C VAL A 80 -33.80 -25.84 10.98
N LYS A 81 -33.99 -25.54 9.69
CA LYS A 81 -34.05 -26.55 8.66
C LYS A 81 -32.80 -26.48 7.80
N ARG A 82 -32.46 -27.61 7.16
CA ARG A 82 -31.32 -27.64 6.25
C ARG A 82 -31.41 -26.51 5.22
N GLU A 83 -32.62 -26.24 4.72
CA GLU A 83 -32.84 -25.17 3.76
C GLU A 83 -32.51 -23.79 4.32
N ASP A 84 -32.47 -23.65 5.64
CA ASP A 84 -32.18 -22.36 6.25
C ASP A 84 -30.70 -22.10 6.43
N ILE A 85 -29.85 -23.13 6.32
CA ILE A 85 -28.43 -23.03 6.58
C ILE A 85 -27.68 -22.93 5.26
N PHE A 86 -26.76 -21.98 5.17
CA PHE A 86 -25.85 -21.81 4.03
C PHE A 86 -24.48 -22.31 4.46
N TYR A 87 -24.11 -23.50 3.99
CA TYR A 87 -22.87 -24.16 4.40
C TYR A 87 -21.86 -24.11 3.27
N THR A 88 -20.66 -23.61 3.58
CA THR A 88 -19.58 -23.50 2.61
C THR A 88 -18.47 -24.48 2.98
N SER A 89 -17.96 -25.19 1.98
CA SER A 89 -16.73 -25.95 2.11
C SER A 89 -15.77 -25.48 1.02
N LYS A 90 -14.53 -25.96 1.10
CA LYS A 90 -13.48 -25.49 0.20
C LYS A 90 -12.61 -26.66 -0.25
N LEU A 91 -12.31 -26.68 -1.55
CA LEU A 91 -11.38 -27.66 -2.11
C LEU A 91 -9.95 -27.25 -1.75
N TRP A 92 -9.23 -28.15 -1.09
CA TRP A 92 -7.87 -27.79 -0.72
C TRP A 92 -6.93 -27.95 -1.91
N SER A 93 -5.80 -27.24 -1.84
CA SER A 93 -4.87 -27.08 -2.96
C SER A 93 -4.19 -28.38 -3.37
N THR A 94 -4.26 -29.43 -2.56
CA THR A 94 -3.72 -30.73 -2.97
C THR A 94 -4.67 -31.51 -3.85
N PHE A 95 -5.87 -30.99 -4.11
CA PHE A 95 -6.88 -31.66 -4.91
C PHE A 95 -7.29 -30.83 -6.13
N HIS A 96 -6.39 -29.98 -6.60
CA HIS A 96 -6.70 -29.12 -7.74
C HIS A 96 -6.85 -29.91 -9.04
N ARG A 97 -6.15 -31.03 -9.16
CA ARG A 97 -6.23 -31.82 -10.38
C ARG A 97 -7.66 -32.30 -10.59
N PRO A 98 -8.21 -32.16 -11.80
CA PRO A 98 -9.67 -32.31 -11.98
C PRO A 98 -10.26 -33.61 -11.45
N GLU A 99 -9.57 -34.73 -11.66
CA GLU A 99 -10.09 -36.02 -11.22
C GLU A 99 -10.17 -36.13 -9.69
N LEU A 100 -9.52 -35.24 -8.96
CA LEU A 100 -9.56 -35.24 -7.50
C LEU A 100 -10.63 -34.35 -6.92
N VAL A 101 -11.30 -33.54 -7.75
CA VAL A 101 -12.19 -32.50 -7.23
C VAL A 101 -13.46 -33.10 -6.67
N ARG A 102 -14.16 -33.92 -7.47
CA ARG A 102 -15.42 -34.50 -7.00
C ARG A 102 -15.23 -35.43 -5.81
N PRO A 103 -14.25 -36.33 -5.78
CA PRO A 103 -14.05 -37.13 -4.55
C PRO A 103 -13.73 -36.28 -3.33
N ALA A 104 -13.05 -35.15 -3.51
CA ALA A 104 -12.78 -34.26 -2.38
C ALA A 104 -14.07 -33.68 -1.82
N LEU A 105 -14.94 -33.19 -2.69
CA LEU A 105 -16.25 -32.70 -2.25
C LEU A 105 -17.05 -33.82 -1.60
N GLU A 106 -17.05 -35.01 -2.21
CA GLU A 106 -17.81 -36.13 -1.64
C GLU A 106 -17.26 -36.53 -0.27
N ASN A 107 -15.94 -36.44 -0.08
CA ASN A 107 -15.37 -36.69 1.24
C ASN A 107 -15.86 -35.65 2.25
N SER A 108 -15.81 -34.36 1.88
CA SER A 108 -16.32 -33.32 2.75
C SER A 108 -17.78 -33.55 3.12
N LEU A 109 -18.60 -33.93 2.14
CA LEU A 109 -20.00 -34.20 2.40
C LEU A 109 -20.17 -35.36 3.37
N LYS A 110 -19.34 -36.40 3.22
CA LYS A 110 -19.44 -37.55 4.11
C LYS A 110 -19.04 -37.19 5.53
N LYS A 111 -17.96 -36.41 5.69
CA LYS A 111 -17.53 -36.01 7.03
C LYS A 111 -18.57 -35.14 7.71
N ALA A 112 -19.13 -34.17 6.99
CA ALA A 112 -20.15 -33.31 7.56
C ALA A 112 -21.53 -33.96 7.58
N GLN A 113 -21.68 -35.12 6.93
CA GLN A 113 -22.97 -35.81 6.83
C GLN A 113 -24.04 -34.90 6.27
N LEU A 114 -23.73 -34.29 5.12
CA LEU A 114 -24.66 -33.49 4.36
C LEU A 114 -24.81 -34.07 2.96
N ASP A 115 -25.95 -33.80 2.34
CA ASP A 115 -26.17 -34.22 0.96
C ASP A 115 -25.58 -33.25 -0.05
N TYR A 116 -25.39 -32.00 0.34
CA TYR A 116 -24.87 -30.97 -0.56
C TYR A 116 -24.27 -29.86 0.27
N VAL A 117 -23.40 -29.08 -0.36
CA VAL A 117 -22.93 -27.81 0.19
C VAL A 117 -23.65 -26.69 -0.55
N ASP A 118 -23.96 -25.62 0.17
CA ASP A 118 -24.53 -24.45 -0.48
C ASP A 118 -23.48 -23.73 -1.33
N LEU A 119 -22.21 -23.88 -0.97
CA LEU A 119 -21.13 -23.21 -1.67
C LEU A 119 -19.86 -24.05 -1.56
N TYR A 120 -19.21 -24.29 -2.69
CA TYR A 120 -17.92 -24.98 -2.73
C TYR A 120 -16.91 -24.05 -3.40
N LEU A 121 -15.78 -23.84 -2.74
CA LEU A 121 -14.78 -22.88 -3.19
C LEU A 121 -13.46 -23.57 -3.51
N ILE A 122 -12.77 -23.07 -4.52
CA ILE A 122 -11.34 -23.32 -4.65
C ILE A 122 -10.65 -22.51 -3.56
N HIS A 123 -10.06 -23.19 -2.58
CA HIS A 123 -9.55 -22.51 -1.39
C HIS A 123 -8.44 -21.52 -1.74
N SER A 124 -7.61 -21.86 -2.72
CA SER A 124 -6.45 -21.04 -3.05
C SER A 124 -6.06 -21.34 -4.50
N PRO A 125 -5.47 -20.37 -5.21
CA PRO A 125 -4.95 -20.66 -6.55
C PRO A 125 -3.61 -21.37 -6.54
N MET A 126 -2.95 -21.47 -5.39
CA MET A 126 -1.60 -22.03 -5.30
C MET A 126 -1.71 -23.54 -5.13
N SER A 127 -1.63 -24.26 -6.25
CA SER A 127 -1.72 -25.71 -6.22
C SER A 127 -0.54 -26.32 -5.47
N LEU A 128 -0.80 -27.44 -4.81
CA LEU A 128 0.21 -28.16 -4.05
C LEU A 128 0.23 -29.62 -4.49
N LYS A 129 1.29 -30.33 -4.09
CA LYS A 129 1.50 -31.70 -4.55
C LYS A 129 0.30 -32.57 -4.20
N PRO A 130 -0.25 -33.32 -5.15
CA PRO A 130 -1.45 -34.12 -4.87
C PRO A 130 -1.17 -35.18 -3.80
N GLY A 131 -2.16 -35.38 -2.94
CA GLY A 131 -2.03 -36.34 -1.87
C GLY A 131 -2.94 -35.99 -0.71
N GLU A 132 -2.95 -36.89 0.27
CA GLU A 132 -3.74 -36.69 1.47
C GLU A 132 -3.04 -35.79 2.48
N GLU A 133 -1.73 -35.56 2.31
CA GLU A 133 -1.00 -34.63 3.15
C GLU A 133 -1.42 -33.20 2.80
N LEU A 134 -1.86 -32.45 3.81
CA LEU A 134 -2.31 -31.08 3.56
C LEU A 134 -1.13 -30.16 3.25
N SER A 135 -0.01 -30.34 3.96
CA SER A 135 1.20 -29.54 3.77
C SER A 135 2.35 -30.46 3.37
N PRO A 136 2.38 -30.92 2.11
CA PRO A 136 3.51 -31.74 1.67
C PRO A 136 4.78 -30.90 1.61
N THR A 137 5.83 -31.38 2.27
CA THR A 137 7.09 -30.67 2.37
C THR A 137 8.23 -31.57 1.92
N ASP A 138 9.22 -30.99 1.25
CA ASP A 138 10.35 -31.75 0.76
C ASP A 138 11.36 -31.98 1.89
N GLU A 139 12.48 -32.62 1.53
CA GLU A 139 13.51 -32.94 2.52
C GLU A 139 14.00 -31.70 3.26
N ASN A 140 13.92 -30.53 2.62
CA ASN A 140 14.35 -29.27 3.24
C ASN A 140 13.20 -28.52 3.90
N GLY A 141 12.08 -29.20 4.14
CA GLY A 141 10.95 -28.56 4.82
C GLY A 141 10.23 -27.50 4.01
N LYS A 142 10.40 -27.49 2.69
CA LYS A 142 9.76 -26.52 1.82
C LYS A 142 8.51 -27.13 1.21
N VAL A 143 7.38 -26.41 1.32
CA VAL A 143 6.11 -26.87 0.77
C VAL A 143 6.28 -27.16 -0.73
N ILE A 144 5.79 -28.31 -1.16
CA ILE A 144 5.96 -28.77 -2.54
C ILE A 144 4.80 -28.26 -3.38
N PHE A 145 5.12 -27.43 -4.37
CA PHE A 145 4.12 -26.87 -5.27
C PHE A 145 3.73 -27.88 -6.35
N ASP A 146 2.55 -27.67 -6.91
CA ASP A 146 2.11 -28.38 -8.12
C ASP A 146 1.70 -27.36 -9.16
N ILE A 147 1.71 -27.79 -10.43
CA ILE A 147 1.31 -26.95 -11.54
C ILE A 147 0.05 -27.55 -12.14
N VAL A 148 -1.05 -26.78 -12.08
CA VAL A 148 -2.36 -27.23 -12.55
C VAL A 148 -3.03 -26.09 -13.28
N ASP A 149 -3.61 -26.39 -14.44
CA ASP A 149 -4.47 -25.44 -15.14
C ASP A 149 -5.75 -25.27 -14.33
N LEU A 150 -5.90 -24.11 -13.67
CA LEU A 150 -7.05 -23.90 -12.81
C LEU A 150 -8.36 -23.83 -13.58
N CYS A 151 -8.30 -23.62 -14.91
CA CYS A 151 -9.51 -23.72 -15.72
C CYS A 151 -10.05 -25.14 -15.73
N THR A 152 -9.16 -26.15 -15.71
CA THR A 152 -9.61 -27.53 -15.64
C THR A 152 -10.15 -27.86 -14.26
N THR A 153 -9.55 -27.31 -13.21
CA THR A 153 -10.13 -27.42 -11.87
C THR A 153 -11.53 -26.84 -11.84
N TRP A 154 -11.72 -25.67 -12.46
CA TRP A 154 -13.03 -25.05 -12.48
C TRP A 154 -14.05 -25.89 -13.24
N GLU A 155 -13.61 -26.49 -14.35
CA GLU A 155 -14.50 -27.38 -15.10
C GLU A 155 -15.00 -28.52 -14.22
N ALA A 156 -14.13 -29.09 -13.39
CA ALA A 156 -14.55 -30.11 -12.44
C ALA A 156 -15.50 -29.54 -11.40
N MET A 157 -15.30 -28.28 -10.99
CA MET A 157 -16.23 -27.64 -10.06
C MET A 157 -17.61 -27.47 -10.69
N GLU A 158 -17.66 -27.11 -11.98
CA GLU A 158 -18.94 -26.96 -12.66
C GLU A 158 -19.71 -28.27 -12.68
N LYS A 159 -19.01 -29.39 -12.90
CA LYS A 159 -19.67 -30.69 -12.86
C LYS A 159 -20.22 -31.00 -11.48
N CYS A 160 -19.54 -30.52 -10.43
CA CYS A 160 -20.05 -30.71 -9.08
C CYS A 160 -21.37 -29.96 -8.88
N LYS A 161 -21.51 -28.79 -9.50
CA LYS A 161 -22.77 -28.06 -9.44
C LYS A 161 -23.86 -28.79 -10.22
N ASP A 162 -23.53 -29.25 -11.42
CA ASP A 162 -24.50 -29.98 -12.23
C ASP A 162 -24.98 -31.24 -11.52
N ALA A 163 -24.08 -31.96 -10.85
CA ALA A 163 -24.45 -33.14 -10.09
C ALA A 163 -25.28 -32.82 -8.87
N GLY A 164 -25.46 -31.54 -8.53
CA GLY A 164 -26.22 -31.15 -7.36
C GLY A 164 -25.50 -31.28 -6.05
N LEU A 165 -24.22 -31.64 -6.05
CA LEU A 165 -23.45 -31.73 -4.81
C LEU A 165 -23.09 -30.36 -4.26
N ALA A 166 -23.07 -29.33 -5.09
CA ALA A 166 -22.83 -27.96 -4.66
C ALA A 166 -23.86 -27.06 -5.32
N LYS A 167 -24.57 -26.27 -4.51
CA LYS A 167 -25.58 -25.37 -5.07
C LYS A 167 -24.92 -24.24 -5.85
N SER A 168 -23.83 -23.68 -5.31
CA SER A 168 -23.07 -22.63 -5.97
C SER A 168 -21.59 -22.96 -5.88
N ILE A 169 -20.82 -22.43 -6.82
CA ILE A 169 -19.37 -22.59 -6.82
C ILE A 169 -18.73 -21.22 -6.95
N GLY A 170 -17.58 -21.07 -6.30
CA GLY A 170 -16.83 -19.84 -6.33
C GLY A 170 -15.37 -20.11 -6.03
N VAL A 171 -14.60 -19.04 -5.86
CA VAL A 171 -13.17 -19.15 -5.64
C VAL A 171 -12.80 -18.40 -4.36
N SER A 172 -11.54 -18.56 -3.94
CA SER A 172 -11.01 -17.90 -2.77
C SER A 172 -9.54 -17.57 -3.02
N ASN A 173 -9.13 -16.38 -2.59
CA ASN A 173 -7.75 -15.89 -2.69
C ASN A 173 -7.30 -15.70 -4.13
N PHE A 174 -8.24 -15.47 -5.05
CA PHE A 174 -7.90 -15.17 -6.44
C PHE A 174 -7.68 -13.68 -6.60
N ASN A 175 -6.73 -13.31 -7.47
CA ASN A 175 -6.57 -11.91 -7.84
C ASN A 175 -7.32 -11.64 -9.14
N ARG A 176 -7.20 -10.40 -9.64
CA ARG A 176 -7.92 -10.01 -10.84
C ARG A 176 -7.52 -10.88 -12.03
N ARG A 177 -6.22 -11.08 -12.23
CA ARG A 177 -5.75 -11.87 -13.38
C ARG A 177 -6.28 -13.30 -13.32
N GLN A 178 -6.24 -13.92 -12.14
CA GLN A 178 -6.72 -15.30 -12.02
C GLN A 178 -8.23 -15.36 -12.20
N LEU A 179 -8.96 -14.37 -11.70
CA LEU A 179 -10.39 -14.29 -11.96
C LEU A 179 -10.67 -14.18 -13.45
N GLU A 180 -9.95 -13.29 -14.14
CA GLU A 180 -10.15 -13.13 -15.58
C GLU A 180 -9.87 -14.42 -16.33
N MET A 181 -8.90 -15.20 -15.85
CA MET A 181 -8.62 -16.50 -16.44
C MET A 181 -9.86 -17.39 -16.47
N ILE A 182 -10.65 -17.35 -15.40
CA ILE A 182 -11.89 -18.13 -15.37
C ILE A 182 -12.96 -17.48 -16.23
N LEU A 183 -13.13 -16.17 -16.09
CA LEU A 183 -14.20 -15.47 -16.81
C LEU A 183 -14.01 -15.53 -18.32
N ASN A 184 -12.76 -15.59 -18.78
CA ASN A 184 -12.46 -15.66 -20.21
C ASN A 184 -12.28 -17.09 -20.70
N LYS A 185 -12.58 -18.08 -19.88
CA LYS A 185 -12.38 -19.47 -20.28
C LYS A 185 -13.33 -19.84 -21.42
N PRO A 186 -12.83 -20.43 -22.50
CA PRO A 186 -13.72 -20.83 -23.59
C PRO A 186 -14.74 -21.86 -23.13
N GLY A 187 -16.01 -21.57 -23.40
CA GLY A 187 -17.08 -22.46 -22.98
C GLY A 187 -17.36 -22.44 -21.49
N LEU A 188 -17.15 -21.30 -20.84
CA LEU A 188 -17.46 -21.17 -19.43
C LEU A 188 -18.96 -21.37 -19.21
N LYS A 189 -19.30 -22.26 -18.28
CA LYS A 189 -20.69 -22.55 -17.96
C LYS A 189 -21.20 -21.76 -16.77
N TYR A 190 -20.44 -21.76 -15.67
CA TYR A 190 -20.82 -21.05 -14.45
C TYR A 190 -19.70 -20.12 -14.05
N LYS A 191 -20.01 -18.83 -13.93
CA LYS A 191 -19.07 -17.88 -13.37
C LYS A 191 -18.93 -18.12 -11.87
N PRO A 192 -17.80 -17.74 -11.29
CA PRO A 192 -17.68 -17.79 -9.83
C PRO A 192 -18.71 -16.86 -9.19
N VAL A 193 -19.47 -17.41 -8.24
CA VAL A 193 -20.44 -16.57 -7.53
C VAL A 193 -19.73 -15.63 -6.57
N CYS A 194 -18.53 -15.95 -6.13
CA CYS A 194 -17.87 -15.15 -5.13
C CYS A 194 -16.36 -15.37 -5.18
N ASN A 195 -15.65 -14.46 -4.52
CA ASN A 195 -14.20 -14.57 -4.31
C ASN A 195 -13.94 -14.21 -2.86
N GLN A 196 -13.63 -15.22 -2.04
CA GLN A 196 -13.40 -15.01 -0.61
C GLN A 196 -11.94 -14.65 -0.39
N VAL A 197 -11.70 -13.42 0.10
CA VAL A 197 -10.36 -12.88 0.22
C VAL A 197 -10.22 -12.17 1.56
N GLU A 198 -8.97 -11.96 1.97
CA GLU A 198 -8.71 -11.16 3.16
C GLU A 198 -9.14 -9.72 2.91
N CYS A 199 -9.97 -9.19 3.79
CA CYS A 199 -10.54 -7.86 3.59
C CYS A 199 -10.90 -7.25 4.93
N HIS A 200 -10.32 -6.11 5.24
CA HIS A 200 -10.55 -5.41 6.50
C HIS A 200 -10.12 -3.96 6.32
N PRO A 201 -10.43 -3.08 7.28
CA PRO A 201 -10.05 -1.66 7.11
C PRO A 201 -8.58 -1.40 6.82
N TYR A 202 -7.69 -2.32 7.20
CA TYR A 202 -6.27 -2.16 6.87
C TYR A 202 -5.92 -2.76 5.51
N PHE A 203 -6.82 -3.56 4.93
CA PHE A 203 -6.65 -4.15 3.61
C PHE A 203 -8.06 -4.24 3.03
N ASN A 204 -8.50 -3.21 2.33
CA ASN A 204 -9.92 -3.11 2.03
C ASN A 204 -10.28 -3.57 0.62
N ARG A 205 -9.28 -3.85 -0.21
CA ARG A 205 -9.48 -4.51 -1.50
C ARG A 205 -10.43 -3.73 -2.40
N SER A 206 -10.45 -2.39 -2.26
CA SER A 206 -11.38 -1.57 -3.02
C SER A 206 -11.23 -1.80 -4.53
N LYS A 207 -10.00 -1.94 -5.01
CA LYS A 207 -9.75 -2.24 -6.42
C LYS A 207 -10.37 -3.56 -6.83
N LEU A 208 -10.05 -4.62 -6.08
CA LEU A 208 -10.62 -5.94 -6.38
C LEU A 208 -12.14 -5.95 -6.20
N LEU A 209 -12.64 -5.19 -5.23
CA LEU A 209 -14.09 -5.10 -5.02
C LEU A 209 -14.77 -4.46 -6.22
N ASP A 210 -14.19 -3.39 -6.76
CA ASP A 210 -14.76 -2.75 -7.94
C ASP A 210 -14.78 -3.69 -9.13
N PHE A 211 -13.71 -4.48 -9.31
CA PHE A 211 -13.68 -5.46 -10.38
C PHE A 211 -14.79 -6.50 -10.19
N CYS A 212 -14.88 -7.08 -8.99
CA CYS A 212 -15.88 -8.11 -8.73
C CYS A 212 -17.29 -7.59 -8.95
N LYS A 213 -17.57 -6.36 -8.50
CA LYS A 213 -18.90 -5.78 -8.71
C LYS A 213 -19.21 -5.64 -10.19
N SER A 214 -18.23 -5.23 -10.99
CA SER A 214 -18.42 -5.10 -12.43
C SER A 214 -18.72 -6.44 -13.09
N LYS A 215 -18.29 -7.55 -12.49
CA LYS A 215 -18.57 -8.88 -13.01
C LYS A 215 -19.63 -9.61 -12.20
N ASP A 216 -20.31 -8.90 -11.29
CA ASP A 216 -21.37 -9.46 -10.46
C ASP A 216 -20.88 -10.67 -9.67
N ILE A 217 -19.66 -10.54 -9.13
CA ILE A 217 -19.06 -11.54 -8.25
C ILE A 217 -19.01 -10.93 -6.85
N VAL A 218 -19.48 -11.69 -5.86
CA VAL A 218 -19.52 -11.20 -4.49
C VAL A 218 -18.14 -11.33 -3.87
N LEU A 219 -17.65 -10.28 -3.24
CA LEU A 219 -16.44 -10.35 -2.44
C LEU A 219 -16.83 -10.78 -1.03
N VAL A 220 -16.23 -11.87 -0.56
CA VAL A 220 -16.46 -12.36 0.79
C VAL A 220 -15.20 -12.07 1.60
N ALA A 221 -15.36 -11.32 2.69
CA ALA A 221 -14.24 -10.84 3.49
C ALA A 221 -13.93 -11.82 4.60
N TYR A 222 -12.69 -12.32 4.64
CA TYR A 222 -12.19 -13.01 5.82
C TYR A 222 -11.13 -12.16 6.51
N SER A 223 -10.82 -12.55 7.75
CA SER A 223 -9.99 -11.72 8.63
C SER A 223 -10.55 -10.31 8.75
N ALA A 224 -11.87 -10.18 8.66
CA ALA A 224 -12.59 -8.89 8.73
C ALA A 224 -12.34 -8.21 10.08
N LEU A 225 -12.07 -9.00 11.10
CA LEU A 225 -11.83 -8.55 12.49
C LEU A 225 -10.32 -8.44 12.75
N GLY A 226 -9.50 -8.57 11.72
CA GLY A 226 -8.04 -8.41 11.85
C GLY A 226 -7.23 -9.68 12.05
N SER A 227 -7.83 -10.85 11.89
CA SER A 227 -7.27 -12.23 11.95
C SER A 227 -7.14 -12.74 13.39
N GLN A 228 -6.70 -13.97 13.51
CA GLN A 228 -6.50 -14.61 14.83
C GLN A 228 -5.06 -14.30 15.31
N ARG A 229 -4.26 -13.65 14.47
CA ARG A 229 -2.86 -13.29 14.75
C ARG A 229 -2.07 -14.56 15.12
N ASP A 230 -2.31 -15.65 14.45
CA ASP A 230 -1.59 -16.90 14.76
C ASP A 230 -0.10 -16.64 14.63
N LYS A 231 0.69 -17.12 15.58
CA LYS A 231 2.17 -16.93 15.61
C LYS A 231 2.85 -17.54 14.38
N ARG A 232 2.24 -18.57 13.82
CA ARG A 232 2.78 -19.28 12.65
C ARG A 232 2.85 -18.35 11.40
N TRP A 233 2.00 -17.33 11.26
CA TRP A 233 1.97 -16.53 10.00
C TRP A 233 1.91 -15.01 10.23
N VAL A 234 1.60 -14.57 11.42
CA VAL A 234 1.34 -13.16 11.64
C VAL A 234 2.49 -12.56 12.44
N ASP A 235 3.17 -11.56 11.88
CA ASP A 235 4.17 -10.80 12.61
C ASP A 235 3.52 -10.16 13.83
N PRO A 236 4.02 -10.45 15.04
CA PRO A 236 3.43 -9.82 16.24
C PRO A 236 3.49 -8.31 16.24
N ASN A 237 4.48 -7.71 15.57
CA ASN A 237 4.58 -6.26 15.54
C ASN A 237 3.57 -5.60 14.61
N SER A 238 2.81 -6.39 13.85
CA SER A 238 1.79 -5.85 12.97
C SER A 238 0.69 -5.17 13.80
N PRO A 239 0.05 -4.14 13.26
CA PRO A 239 -0.97 -3.42 14.03
C PRO A 239 -2.18 -4.31 14.34
N VAL A 240 -2.72 -4.12 15.54
CA VAL A 240 -3.93 -4.82 15.96
C VAL A 240 -5.13 -4.01 15.46
N LEU A 241 -5.87 -4.58 14.51
CA LEU A 241 -6.95 -3.86 13.85
C LEU A 241 -7.96 -3.29 14.85
N LEU A 242 -8.41 -4.12 15.78
CA LEU A 242 -9.48 -3.72 16.70
C LEU A 242 -9.04 -2.69 17.72
N GLU A 243 -7.74 -2.36 17.78
CA GLU A 243 -7.25 -1.28 18.62
C GLU A 243 -7.08 0.03 17.85
N ASP A 244 -7.51 0.07 16.60
CA ASP A 244 -7.35 1.26 15.78
C ASP A 244 -8.16 2.42 16.37
N PRO A 245 -7.57 3.61 16.49
CA PRO A 245 -8.30 4.72 17.14
C PRO A 245 -9.56 5.14 16.39
N VAL A 246 -9.53 5.13 15.05
CA VAL A 246 -10.71 5.53 14.29
C VAL A 246 -11.83 4.52 14.50
N LEU A 247 -11.49 3.22 14.52
CA LEU A 247 -12.48 2.20 14.83
C LEU A 247 -13.01 2.37 16.25
N CYS A 248 -12.12 2.64 17.21
CA CYS A 248 -12.54 2.76 18.60
C CYS A 248 -13.36 4.02 18.82
N ALA A 249 -12.98 5.13 18.19
CA ALA A 249 -13.76 6.36 18.30
C ALA A 249 -15.14 6.19 17.68
N LEU A 250 -15.21 5.49 16.54
CA LEU A 250 -16.50 5.23 15.92
C LEU A 250 -17.37 4.32 16.77
N ALA A 251 -16.75 3.43 17.55
CA ALA A 251 -17.52 2.55 18.44
C ALA A 251 -18.22 3.36 19.52
N LYS A 252 -17.53 4.34 20.11
CA LYS A 252 -18.13 5.17 21.14
C LYS A 252 -19.26 6.02 20.57
N LYS A 253 -19.01 6.66 19.41
CA LYS A 253 -20.04 7.44 18.74
C LYS A 253 -21.35 6.66 18.59
N HIS A 254 -21.25 5.41 18.16
CA HIS A 254 -22.42 4.58 17.92
C HIS A 254 -22.79 3.68 19.10
N LYS A 255 -22.00 3.71 20.18
CA LYS A 255 -22.21 2.84 21.34
C LYS A 255 -22.17 1.37 20.93
N ARG A 256 -21.18 1.04 20.10
CA ARG A 256 -20.95 -0.32 19.63
C ARG A 256 -19.51 -0.70 19.94
N THR A 257 -19.04 -1.82 19.40
CA THR A 257 -17.68 -2.27 19.60
C THR A 257 -16.86 -2.08 18.32
N PRO A 258 -15.53 -1.98 18.43
CA PRO A 258 -14.70 -1.89 17.22
C PRO A 258 -14.95 -3.01 16.23
N ALA A 259 -15.20 -4.23 16.71
CA ALA A 259 -15.52 -5.33 15.82
C ALA A 259 -16.82 -5.07 15.06
N LEU A 260 -17.84 -4.56 15.75
CA LEU A 260 -19.11 -4.27 15.09
C LEU A 260 -18.94 -3.20 14.02
N ILE A 261 -18.06 -2.23 14.27
CA ILE A 261 -17.76 -1.23 13.24
C ILE A 261 -17.11 -1.89 12.03
N ALA A 262 -16.15 -2.79 12.27
CA ALA A 262 -15.45 -3.46 11.17
C ALA A 262 -16.40 -4.31 10.34
N LEU A 263 -17.35 -4.98 10.99
CA LEU A 263 -18.31 -5.81 10.25
C LEU A 263 -19.31 -4.95 9.50
N ARG A 264 -19.84 -3.91 10.15
CA ARG A 264 -20.79 -3.02 9.49
C ARG A 264 -20.16 -2.31 8.30
N TYR A 265 -18.87 -1.98 8.41
CA TYR A 265 -18.16 -1.35 7.30
C TYR A 265 -18.30 -2.18 6.01
N GLN A 266 -18.11 -3.49 6.12
CA GLN A 266 -18.17 -4.34 4.93
C GLN A 266 -19.58 -4.44 4.38
N LEU A 267 -20.57 -4.56 5.26
CA LEU A 267 -21.95 -4.71 4.81
C LEU A 267 -22.39 -3.52 3.97
N GLN A 268 -22.01 -2.31 4.37
CA GLN A 268 -22.47 -1.11 3.69
C GLN A 268 -21.74 -0.84 2.37
N ARG A 269 -20.60 -1.50 2.14
CA ARG A 269 -19.90 -1.38 0.86
C ARG A 269 -20.17 -2.56 -0.06
N GLY A 270 -21.16 -3.39 0.25
CA GLY A 270 -21.55 -4.49 -0.60
C GLY A 270 -20.75 -5.76 -0.43
N VAL A 271 -20.05 -5.93 0.69
CA VAL A 271 -19.20 -7.08 0.93
C VAL A 271 -19.91 -8.03 1.89
N VAL A 272 -19.91 -9.31 1.58
CA VAL A 272 -20.34 -10.33 2.53
C VAL A 272 -19.18 -10.61 3.49
N VAL A 273 -19.48 -10.59 4.78
CA VAL A 273 -18.44 -10.53 5.81
C VAL A 273 -18.53 -11.79 6.68
N LEU A 274 -17.37 -12.36 6.98
CA LEU A 274 -17.25 -13.48 7.90
C LEU A 274 -16.77 -12.99 9.26
N ALA A 275 -17.15 -13.71 10.31
CA ALA A 275 -16.74 -13.38 11.67
C ALA A 275 -16.51 -14.66 12.44
N LYS A 276 -15.27 -14.89 12.87
CA LYS A 276 -14.93 -16.04 13.69
C LYS A 276 -14.90 -15.63 15.15
N SER A 277 -15.60 -16.39 15.99
CA SER A 277 -15.46 -16.27 17.43
C SER A 277 -15.82 -17.60 18.07
N TYR A 278 -14.99 -18.05 18.99
CA TYR A 278 -15.29 -19.20 19.82
C TYR A 278 -15.74 -18.79 21.22
N ASN A 279 -16.23 -17.56 21.37
CA ASN A 279 -16.70 -17.01 22.63
C ASN A 279 -18.19 -16.71 22.48
N GLU A 280 -19.00 -17.32 23.35
CA GLU A 280 -20.46 -17.21 23.22
C GLU A 280 -20.91 -15.77 23.17
N GLN A 281 -20.38 -14.93 24.06
CA GLN A 281 -20.85 -13.55 24.14
C GLN A 281 -20.42 -12.73 22.93
N ARG A 282 -19.23 -13.00 22.38
CA ARG A 282 -18.81 -12.29 21.18
C ARG A 282 -19.55 -12.81 19.94
N ILE A 283 -19.89 -14.10 19.93
CA ILE A 283 -20.73 -14.64 18.86
C ILE A 283 -22.07 -13.91 18.82
N ARG A 284 -22.69 -13.74 19.98
CA ARG A 284 -24.01 -13.10 20.04
C ARG A 284 -23.90 -11.60 19.75
N GLN A 285 -22.79 -10.98 20.18
CA GLN A 285 -22.58 -9.56 19.88
C GLN A 285 -22.49 -9.33 18.37
N ASN A 286 -21.82 -10.24 17.65
CA ASN A 286 -21.52 -10.00 16.24
C ASN A 286 -22.77 -9.94 15.38
N VAL A 287 -23.86 -10.62 15.77
CA VAL A 287 -25.08 -10.55 14.99
C VAL A 287 -25.81 -9.21 15.16
N GLN A 288 -25.41 -8.40 16.13
CA GLN A 288 -25.97 -7.06 16.28
C GLN A 288 -25.53 -6.12 15.17
N VAL A 289 -24.71 -6.58 14.23
CA VAL A 289 -24.26 -5.75 13.11
C VAL A 289 -25.44 -5.19 12.33
N PHE A 290 -26.59 -5.86 12.39
CA PHE A 290 -27.78 -5.40 11.67
C PHE A 290 -28.58 -4.37 12.45
N GLU A 291 -28.16 -4.02 13.67
CA GLU A 291 -28.96 -3.14 14.52
C GLU A 291 -28.69 -1.66 14.29
N PHE A 292 -27.52 -1.29 13.80
CA PHE A 292 -27.12 0.11 13.67
C PHE A 292 -26.60 0.36 12.25
N GLN A 293 -26.19 1.60 12.03
CA GLN A 293 -25.78 2.01 10.69
C GLN A 293 -24.72 3.12 10.72
N LEU A 294 -23.70 3.00 9.88
CA LEU A 294 -22.67 4.02 9.76
C LEU A 294 -23.08 5.06 8.72
N THR A 295 -22.74 6.31 8.99
CA THR A 295 -22.99 7.37 8.03
C THR A 295 -22.00 7.28 6.87
N ALA A 296 -22.34 7.96 5.77
CA ALA A 296 -21.42 8.03 4.64
C ALA A 296 -20.11 8.70 5.02
N GLU A 297 -20.14 9.55 6.05
CA GLU A 297 -18.90 10.15 6.54
C GLU A 297 -18.10 9.13 7.35
N ASP A 298 -18.78 8.32 8.17
CA ASP A 298 -18.10 7.23 8.87
C ASP A 298 -17.42 6.29 7.89
N MET A 299 -18.09 5.98 6.78
CA MET A 299 -17.53 5.03 5.81
C MET A 299 -16.25 5.58 5.20
N LYS A 300 -16.25 6.86 4.84
CA LYS A 300 -15.04 7.47 4.26
C LYS A 300 -13.90 7.49 5.27
N ALA A 301 -14.23 7.67 6.55
CA ALA A 301 -13.20 7.62 7.59
C ALA A 301 -12.55 6.25 7.66
N ILE A 302 -13.35 5.18 7.54
CA ILE A 302 -12.79 3.83 7.56
C ILE A 302 -12.04 3.55 6.26
N ASP A 303 -12.55 4.07 5.14
CA ASP A 303 -11.87 3.91 3.86
C ASP A 303 -10.42 4.41 3.93
N GLY A 304 -10.18 5.46 4.72
CA GLY A 304 -8.86 6.05 4.83
C GLY A 304 -7.86 5.22 5.62
N LEU A 305 -8.30 4.12 6.24
CA LEU A 305 -7.41 3.31 7.07
C LEU A 305 -6.57 2.32 6.28
N ASP A 306 -6.82 2.17 4.98
CA ASP A 306 -6.14 1.18 4.15
C ASP A 306 -4.63 1.25 4.32
N ARG A 307 -4.04 0.11 4.67
CA ARG A 307 -2.60 -0.01 4.86
C ARG A 307 -1.93 -0.98 3.92
N ASN A 308 -2.68 -1.61 3.01
CA ASN A 308 -2.20 -2.72 2.19
C ASN A 308 -1.54 -3.79 3.06
N LEU A 309 -2.11 -4.02 4.24
CA LEU A 309 -1.57 -4.97 5.20
C LEU A 309 -2.41 -6.23 5.19
N HIS A 310 -1.84 -7.32 4.68
CA HIS A 310 -2.47 -8.64 4.79
C HIS A 310 -1.80 -9.40 5.92
N TYR A 311 -2.61 -9.83 6.89
CA TYR A 311 -2.07 -10.46 8.09
C TYR A 311 -1.47 -11.82 7.79
N PHE A 312 -1.90 -12.48 6.72
CA PHE A 312 -1.21 -13.66 6.21
C PHE A 312 -0.08 -13.22 5.29
N ASN A 313 1.15 -13.53 5.67
CA ASN A 313 2.29 -13.42 4.76
C ASN A 313 3.07 -14.72 4.81
N SER A 314 3.84 -14.97 3.74
CA SER A 314 4.86 -16.02 3.77
C SER A 314 5.78 -15.79 2.59
N ASP A 315 7.05 -15.60 2.84
CA ASP A 315 7.93 -15.40 1.67
C ASP A 315 8.07 -16.75 0.97
N SER A 316 7.72 -17.84 1.65
CA SER A 316 7.81 -19.19 1.07
C SER A 316 6.82 -19.33 -0.08
N PHE A 317 5.59 -18.83 0.11
CA PHE A 317 4.56 -18.91 -0.96
C PHE A 317 4.76 -17.80 -1.99
N ALA A 318 5.63 -16.81 -1.73
CA ALA A 318 5.86 -15.71 -2.69
C ALA A 318 6.42 -16.28 -3.99
N SER A 319 7.26 -17.30 -3.91
CA SER A 319 7.86 -17.99 -5.08
C SER A 319 6.78 -18.72 -5.89
N HIS A 320 5.68 -19.16 -5.26
CA HIS A 320 4.64 -19.93 -6.01
C HIS A 320 4.21 -19.11 -7.22
N PRO A 321 4.11 -19.73 -8.41
CA PRO A 321 3.71 -19.05 -9.62
C PRO A 321 2.35 -18.36 -9.47
N ASN A 322 1.43 -18.95 -8.71
CA ASN A 322 0.06 -18.38 -8.59
C ASN A 322 -0.09 -17.57 -7.29
N TYR A 323 0.99 -17.09 -6.66
CA TYR A 323 0.85 -16.34 -5.39
C TYR A 323 0.00 -15.13 -5.76
N PRO A 324 -1.10 -14.91 -5.06
CA PRO A 324 -2.08 -13.95 -5.47
C PRO A 324 -1.66 -12.51 -5.24
N TYR A 325 -0.76 -12.28 -4.31
CA TYR A 325 -0.29 -10.93 -4.03
C TYR A 325 0.90 -10.58 -4.92
N GLN B 12 0.05 28.33 -1.42
CA GLN B 12 1.01 29.16 -2.12
C GLN B 12 1.79 28.33 -3.14
N CYS B 13 1.76 28.77 -4.41
CA CYS B 13 2.34 28.00 -5.50
C CYS B 13 3.17 28.91 -6.39
N VAL B 14 4.03 28.29 -7.19
CA VAL B 14 4.82 28.97 -8.19
C VAL B 14 4.50 28.36 -9.55
N LYS B 15 4.40 29.21 -10.57
CA LYS B 15 4.10 28.76 -11.92
C LYS B 15 5.36 28.18 -12.56
N LEU B 16 5.29 26.93 -12.99
CA LEU B 16 6.42 26.31 -13.67
C LEU B 16 6.42 26.69 -15.15
N ASN B 17 7.58 26.49 -15.80
CA ASN B 17 7.71 26.95 -17.17
C ASN B 17 6.89 26.14 -18.16
N ASP B 18 6.20 25.07 -17.72
CA ASP B 18 5.29 24.33 -18.57
C ASP B 18 3.83 24.63 -18.26
N GLY B 19 3.56 25.61 -17.40
CA GLY B 19 2.21 26.02 -17.08
C GLY B 19 1.62 25.37 -15.84
N HIS B 20 2.23 24.31 -15.31
CA HIS B 20 1.71 23.69 -14.10
C HIS B 20 2.17 24.49 -12.87
N PHE B 21 1.53 24.20 -11.74
CA PHE B 21 1.79 24.91 -10.50
C PHE B 21 2.37 23.96 -9.46
N MET B 22 3.37 24.45 -8.73
CA MET B 22 4.05 23.68 -7.69
C MET B 22 3.94 24.40 -6.37
N PRO B 23 3.40 23.78 -5.32
CA PRO B 23 3.40 24.42 -3.99
C PRO B 23 4.81 24.70 -3.52
N VAL B 24 5.00 25.87 -2.88
CA VAL B 24 6.34 26.32 -2.55
C VAL B 24 6.91 25.64 -1.31
N LEU B 25 6.08 24.96 -0.52
CA LEU B 25 6.52 24.18 0.62
C LEU B 25 6.22 22.71 0.37
N GLY B 26 7.25 21.88 0.46
CA GLY B 26 7.12 20.46 0.19
C GLY B 26 7.55 19.62 1.37
N PHE B 27 6.96 18.44 1.48
CA PHE B 27 7.27 17.50 2.56
C PHE B 27 8.29 16.47 2.07
N GLY B 28 9.41 16.37 2.77
CA GLY B 28 10.43 15.39 2.45
C GLY B 28 10.15 14.08 3.15
N THR B 29 10.17 12.99 2.38
CA THR B 29 9.74 11.69 2.86
C THR B 29 10.86 10.70 3.12
N TYR B 30 12.11 11.04 2.82
CA TYR B 30 13.19 10.08 3.03
C TYR B 30 13.47 9.90 4.51
N ALA B 31 13.53 8.64 4.94
CA ALA B 31 13.97 8.25 6.26
C ALA B 31 15.01 7.15 6.15
N PRO B 32 15.97 7.09 7.07
CA PRO B 32 16.98 6.03 7.02
C PRO B 32 16.33 4.67 7.05
N PRO B 33 16.98 3.65 6.49
CA PRO B 33 16.35 2.32 6.41
C PRO B 33 16.08 1.69 7.76
N GLU B 34 16.68 2.18 8.85
CA GLU B 34 16.36 1.62 10.15
C GLU B 34 14.95 2.01 10.60
N VAL B 35 14.43 3.12 10.09
CA VAL B 35 13.06 3.53 10.42
C VAL B 35 12.09 2.57 9.73
N PRO B 36 11.13 1.99 10.45
CA PRO B 36 10.17 1.08 9.80
C PRO B 36 9.40 1.79 8.71
N ARG B 37 9.16 1.06 7.61
CA ARG B 37 8.56 1.70 6.45
C ARG B 37 7.11 2.12 6.71
N SER B 38 6.44 1.55 7.72
CA SER B 38 5.09 1.98 8.03
C SER B 38 5.03 3.43 8.47
N LYS B 39 6.13 3.96 9.00
CA LYS B 39 6.11 5.34 9.50
C LYS B 39 5.92 6.34 8.35
N ALA B 40 6.47 6.05 7.18
CA ALA B 40 6.28 6.93 6.03
C ALA B 40 4.80 7.12 5.71
N LEU B 41 4.02 6.05 5.83
CA LEU B 41 2.57 6.17 5.68
C LEU B 41 2.01 7.14 6.70
N GLU B 42 2.36 6.94 7.97
CA GLU B 42 1.73 7.72 9.03
C GLU B 42 2.09 9.19 8.94
N VAL B 43 3.38 9.51 8.73
CA VAL B 43 3.81 10.91 8.74
C VAL B 43 3.37 11.65 7.49
N THR B 44 3.31 10.98 6.34
CA THR B 44 2.78 11.64 5.14
C THR B 44 1.31 11.98 5.31
N LYS B 45 0.57 11.10 5.99
CA LYS B 45 -0.80 11.43 6.37
C LYS B 45 -0.82 12.66 7.28
N LEU B 46 0.04 12.67 8.30
CA LEU B 46 0.13 13.83 9.19
C LEU B 46 0.51 15.09 8.42
N ALA B 47 1.45 14.97 7.48
CA ALA B 47 1.87 16.12 6.69
C ALA B 47 0.70 16.73 5.92
N ILE B 48 -0.06 15.89 5.20
CA ILE B 48 -1.23 16.37 4.48
C ILE B 48 -2.24 16.97 5.44
N GLU B 49 -2.48 16.31 6.57
CA GLU B 49 -3.40 16.84 7.57
C GLU B 49 -2.93 18.17 8.13
N ALA B 50 -1.61 18.37 8.22
CA ALA B 50 -1.07 19.64 8.69
C ALA B 50 -1.21 20.76 7.65
N GLY B 51 -1.37 20.41 6.38
CA GLY B 51 -1.48 21.40 5.32
C GLY B 51 -0.48 21.25 4.19
N PHE B 52 0.44 20.28 4.26
CA PHE B 52 1.33 20.02 3.14
C PHE B 52 0.53 19.52 1.95
N ARG B 53 0.82 20.09 0.77
CA ARG B 53 0.21 19.64 -0.47
C ARG B 53 1.24 19.20 -1.51
N HIS B 54 2.53 19.36 -1.21
CA HIS B 54 3.63 19.00 -2.08
C HIS B 54 4.44 17.92 -1.36
N ILE B 55 4.55 16.74 -1.98
CA ILE B 55 5.15 15.58 -1.34
C ILE B 55 6.27 15.06 -2.23
N ASP B 56 7.47 14.93 -1.66
CA ASP B 56 8.67 14.58 -2.39
C ASP B 56 9.11 13.17 -2.04
N SER B 57 9.12 12.28 -3.03
CA SER B 57 9.58 10.91 -2.85
C SER B 57 10.55 10.51 -3.95
N ALA B 58 10.92 9.22 -3.99
CA ALA B 58 11.85 8.71 -4.99
C ALA B 58 11.88 7.19 -4.90
N HIS B 59 12.18 6.56 -6.04
CA HIS B 59 12.43 5.12 -6.06
C HIS B 59 13.50 4.74 -5.05
N LEU B 60 14.54 5.58 -4.94
CA LEU B 60 15.62 5.32 -4.00
C LEU B 60 15.12 5.19 -2.55
N TYR B 61 14.06 5.91 -2.20
CA TYR B 61 13.65 6.00 -0.81
C TYR B 61 12.96 4.75 -0.30
N ASN B 62 12.55 3.84 -1.19
CA ASN B 62 11.87 2.59 -0.80
C ASN B 62 10.65 2.88 0.06
N ASN B 63 9.90 3.93 -0.31
CA ASN B 63 8.71 4.28 0.45
C ASN B 63 7.52 4.69 -0.43
N GLU B 64 7.62 4.55 -1.75
CA GLU B 64 6.56 5.05 -2.62
C GLU B 64 5.24 4.33 -2.38
N GLU B 65 5.28 3.06 -1.98
CA GLU B 65 4.05 2.36 -1.62
C GLU B 65 3.38 3.03 -0.42
N GLN B 66 4.16 3.31 0.62
CA GLN B 66 3.62 3.90 1.84
C GLN B 66 3.18 5.34 1.61
N VAL B 67 3.97 6.11 0.86
CA VAL B 67 3.60 7.49 0.56
C VAL B 67 2.36 7.53 -0.32
N GLY B 68 2.28 6.64 -1.31
CA GLY B 68 1.08 6.56 -2.13
C GLY B 68 -0.15 6.19 -1.32
N LEU B 69 0.00 5.26 -0.37
CA LEU B 69 -1.12 4.90 0.49
C LEU B 69 -1.62 6.10 1.29
N ALA B 70 -0.70 6.97 1.73
CA ALA B 70 -1.11 8.14 2.50
C ALA B 70 -1.89 9.12 1.63
N ILE B 71 -1.42 9.36 0.41
CA ILE B 71 -2.18 10.20 -0.53
C ILE B 71 -3.56 9.61 -0.77
N ARG B 72 -3.60 8.30 -1.07
CA ARG B 72 -4.89 7.64 -1.28
C ARG B 72 -5.77 7.71 -0.04
N SER B 73 -5.16 7.60 1.14
CA SER B 73 -5.94 7.67 2.38
C SER B 73 -6.62 9.02 2.52
N LYS B 74 -5.90 10.12 2.27
CA LYS B 74 -6.46 11.44 2.44
C LYS B 74 -7.44 11.81 1.34
N ILE B 75 -7.38 11.14 0.19
CA ILE B 75 -8.44 11.28 -0.79
C ILE B 75 -9.65 10.46 -0.39
N ALA B 76 -9.41 9.24 0.10
CA ALA B 76 -10.50 8.35 0.50
C ALA B 76 -11.35 8.97 1.61
N ASP B 77 -10.71 9.58 2.61
CA ASP B 77 -11.46 10.14 3.72
C ASP B 77 -12.07 11.51 3.41
N GLY B 78 -11.83 12.04 2.21
CA GLY B 78 -12.46 13.27 1.78
C GLY B 78 -11.71 14.54 2.11
N SER B 79 -10.52 14.45 2.72
CA SER B 79 -9.78 15.66 3.06
C SER B 79 -9.31 16.40 1.83
N VAL B 80 -8.96 15.68 0.76
CA VAL B 80 -8.27 16.27 -0.37
C VAL B 80 -8.59 15.47 -1.63
N LYS B 81 -8.42 16.12 -2.78
CA LYS B 81 -8.53 15.47 -4.08
C LYS B 81 -7.14 15.25 -4.66
N ARG B 82 -7.06 14.35 -5.65
CA ARG B 82 -5.78 14.11 -6.31
C ARG B 82 -5.24 15.39 -6.95
N GLU B 83 -6.14 16.23 -7.45
CA GLU B 83 -5.73 17.49 -8.07
C GLU B 83 -5.06 18.44 -7.09
N ASP B 84 -5.34 18.30 -5.79
CA ASP B 84 -4.77 19.20 -4.79
C ASP B 84 -3.39 18.77 -4.32
N ILE B 85 -2.94 17.58 -4.67
CA ILE B 85 -1.66 17.05 -4.21
C ILE B 85 -0.64 17.16 -5.33
N PHE B 86 0.55 17.64 -5.01
CA PHE B 86 1.69 17.66 -5.93
C PHE B 86 2.66 16.57 -5.48
N TYR B 87 2.75 15.49 -6.24
CA TYR B 87 3.57 14.35 -5.89
C TYR B 87 4.78 14.26 -6.81
N THR B 88 5.96 14.16 -6.21
CA THR B 88 7.21 14.05 -6.93
C THR B 88 7.83 12.68 -6.71
N SER B 89 8.28 12.04 -7.79
CA SER B 89 9.13 10.88 -7.72
C SER B 89 10.38 11.15 -8.55
N LYS B 90 11.37 10.26 -8.45
CA LYS B 90 12.66 10.48 -9.07
C LYS B 90 13.16 9.21 -9.72
N LEU B 91 13.75 9.37 -10.91
CA LEU B 91 14.40 8.28 -11.61
C LEU B 91 15.78 8.02 -11.01
N TRP B 92 16.02 6.82 -10.52
CA TRP B 92 17.30 6.56 -9.90
C TRP B 92 18.38 6.32 -10.96
N SER B 93 19.64 6.53 -10.53
CA SER B 93 20.77 6.59 -11.46
C SER B 93 21.04 5.28 -12.18
N THR B 94 20.55 4.15 -11.67
CA THR B 94 20.71 2.88 -12.37
C THR B 94 19.77 2.76 -13.56
N PHE B 95 18.90 3.75 -13.79
CA PHE B 95 17.90 3.69 -14.85
C PHE B 95 18.06 4.84 -15.85
N HIS B 96 19.26 5.40 -15.96
CA HIS B 96 19.47 6.53 -16.86
C HIS B 96 19.35 6.14 -18.32
N ARG B 97 19.65 4.88 -18.65
CA ARG B 97 19.61 4.45 -20.04
C ARG B 97 18.19 4.62 -20.58
N PRO B 98 18.03 5.13 -21.80
CA PRO B 98 16.71 5.60 -22.25
C PRO B 98 15.61 4.56 -22.17
N GLU B 99 15.90 3.32 -22.57
CA GLU B 99 14.89 2.27 -22.57
C GLU B 99 14.44 1.89 -21.17
N LEU B 100 15.13 2.34 -20.12
CA LEU B 100 14.78 2.02 -18.75
C LEU B 100 13.95 3.09 -18.06
N VAL B 101 13.84 4.29 -18.65
CA VAL B 101 13.24 5.42 -17.95
C VAL B 101 11.74 5.20 -17.76
N ARG B 102 11.02 4.96 -18.86
CA ARG B 102 9.58 4.80 -18.76
C ARG B 102 9.16 3.59 -17.95
N PRO B 103 9.78 2.40 -18.09
CA PRO B 103 9.43 1.29 -17.19
C PRO B 103 9.65 1.64 -15.72
N ALA B 104 10.68 2.44 -15.41
CA ALA B 104 10.93 2.82 -14.04
C ALA B 104 9.85 3.76 -13.51
N LEU B 105 9.37 4.68 -14.36
CA LEU B 105 8.28 5.56 -13.95
C LEU B 105 7.00 4.78 -13.73
N GLU B 106 6.68 3.85 -14.63
CA GLU B 106 5.48 3.05 -14.46
C GLU B 106 5.58 2.12 -13.25
N ASN B 107 6.79 1.66 -12.92
CA ASN B 107 6.97 0.91 -11.69
C ASN B 107 6.70 1.78 -10.48
N SER B 108 7.17 3.03 -10.51
CA SER B 108 6.91 3.95 -9.41
C SER B 108 5.42 4.25 -9.29
N LEU B 109 4.73 4.39 -10.41
CA LEU B 109 3.29 4.62 -10.38
C LEU B 109 2.54 3.42 -9.82
N LYS B 110 2.98 2.21 -10.18
CA LYS B 110 2.34 1.00 -9.67
C LYS B 110 2.53 0.87 -8.16
N LYS B 111 3.75 1.10 -7.67
CA LYS B 111 4.00 1.07 -6.24
C LYS B 111 3.14 2.10 -5.51
N ALA B 112 3.12 3.34 -6.01
CA ALA B 112 2.35 4.41 -5.39
C ALA B 112 0.86 4.30 -5.66
N GLN B 113 0.44 3.43 -6.57
CA GLN B 113 -0.95 3.30 -6.99
C GLN B 113 -1.52 4.66 -7.40
N LEU B 114 -0.78 5.31 -8.30
CA LEU B 114 -1.18 6.60 -8.88
C LEU B 114 -1.23 6.47 -10.39
N ASP B 115 -2.07 7.31 -11.00
CA ASP B 115 -2.14 7.32 -12.47
C ASP B 115 -1.04 8.20 -13.07
N TYR B 116 -0.55 9.18 -12.33
CA TYR B 116 0.48 10.08 -12.82
C TYR B 116 1.25 10.63 -11.63
N VAL B 117 2.46 11.11 -11.91
CA VAL B 117 3.20 11.93 -10.95
C VAL B 117 3.13 13.37 -11.41
N ASP B 118 3.01 14.30 -10.45
CA ASP B 118 3.06 15.70 -10.79
C ASP B 118 4.44 16.11 -11.28
N LEU B 119 5.48 15.43 -10.80
CA LEU B 119 6.85 15.78 -11.13
C LEU B 119 7.70 14.52 -11.13
N TYR B 120 8.46 14.32 -12.21
CA TYR B 120 9.44 13.24 -12.30
C TYR B 120 10.80 13.85 -12.54
N LEU B 121 11.77 13.49 -11.70
CA LEU B 121 13.10 14.08 -11.72
C LEU B 121 14.15 13.04 -12.07
N ILE B 122 15.19 13.48 -12.78
CA ILE B 122 16.45 12.76 -12.80
C ILE B 122 17.12 12.98 -11.44
N HIS B 123 17.26 11.91 -10.66
CA HIS B 123 17.69 12.07 -9.27
C HIS B 123 19.09 12.63 -9.16
N SER B 124 19.97 12.26 -10.09
CA SER B 124 21.37 12.66 -10.05
C SER B 124 21.94 12.54 -11.44
N PRO B 125 22.94 13.37 -11.80
CA PRO B 125 23.61 13.20 -13.09
C PRO B 125 24.62 12.06 -13.12
N MET B 126 24.91 11.44 -11.97
CA MET B 126 25.97 10.43 -11.88
C MET B 126 25.38 9.05 -12.13
N SER B 127 25.44 8.62 -13.39
CA SER B 127 24.85 7.35 -13.79
C SER B 127 25.58 6.17 -13.17
N LEU B 128 24.82 5.12 -12.84
CA LEU B 128 25.35 3.91 -12.24
C LEU B 128 24.95 2.71 -13.08
N LYS B 129 25.65 1.60 -12.85
CA LYS B 129 25.45 0.39 -13.64
C LYS B 129 23.99 -0.08 -13.55
N PRO B 130 23.34 -0.38 -14.66
CA PRO B 130 21.95 -0.85 -14.61
C PRO B 130 21.86 -2.20 -13.92
N GLY B 131 20.74 -2.42 -13.25
CA GLY B 131 20.49 -3.70 -12.61
C GLY B 131 19.59 -3.55 -11.41
N GLU B 132 19.54 -4.62 -10.61
CA GLU B 132 18.62 -4.69 -9.49
C GLU B 132 19.06 -3.82 -8.32
N GLU B 133 20.36 -3.62 -8.14
CA GLU B 133 20.88 -2.99 -6.94
C GLU B 133 20.85 -1.46 -7.04
N LEU B 134 20.50 -0.82 -5.92
CA LEU B 134 20.58 0.63 -5.84
C LEU B 134 22.03 1.09 -5.93
N SER B 135 22.93 0.43 -5.21
CA SER B 135 24.35 0.75 -5.19
C SER B 135 25.11 -0.46 -5.73
N PRO B 136 25.19 -0.60 -7.05
CA PRO B 136 25.97 -1.71 -7.62
C PRO B 136 27.44 -1.55 -7.27
N THR B 137 28.02 -2.60 -6.70
CA THR B 137 29.35 -2.54 -6.10
C THR B 137 30.18 -3.71 -6.61
N ASP B 138 31.42 -3.43 -7.02
CA ASP B 138 32.25 -4.43 -7.68
C ASP B 138 33.10 -5.20 -6.66
N GLU B 139 34.04 -6.00 -7.17
CA GLU B 139 34.84 -6.89 -6.33
C GLU B 139 35.65 -6.16 -5.27
N ASN B 140 35.87 -4.86 -5.44
CA ASN B 140 36.75 -4.10 -4.55
C ASN B 140 36.00 -3.11 -3.68
N GLY B 141 34.68 -3.26 -3.57
CA GLY B 141 33.89 -2.39 -2.73
C GLY B 141 33.59 -1.02 -3.29
N LYS B 142 33.82 -0.80 -4.58
CA LYS B 142 33.55 0.48 -5.21
C LYS B 142 32.26 0.43 -6.00
N VAL B 143 31.45 1.50 -5.86
CA VAL B 143 30.22 1.60 -6.64
C VAL B 143 30.59 1.71 -8.11
N ILE B 144 29.79 1.08 -8.96
CA ILE B 144 30.10 0.91 -10.38
C ILE B 144 29.40 2.01 -11.18
N PHE B 145 30.18 2.85 -11.85
CA PHE B 145 29.63 3.93 -12.66
C PHE B 145 29.19 3.41 -14.03
N ASP B 146 28.34 4.18 -14.68
CA ASP B 146 27.92 3.94 -16.06
C ASP B 146 28.08 5.22 -16.85
N ILE B 147 28.21 5.08 -18.16
CA ILE B 147 28.34 6.20 -19.08
C ILE B 147 27.06 6.29 -19.89
N VAL B 148 26.28 7.34 -19.64
CA VAL B 148 25.02 7.56 -20.35
C VAL B 148 24.96 9.02 -20.80
N ASP B 149 24.59 9.23 -22.06
CA ASP B 149 24.29 10.56 -22.55
C ASP B 149 23.01 11.05 -21.88
N LEU B 150 23.15 11.99 -20.94
CA LEU B 150 21.98 12.47 -20.20
C LEU B 150 20.99 13.17 -21.11
N CYS B 151 21.39 13.57 -22.32
CA CYS B 151 20.43 14.12 -23.27
C CYS B 151 19.47 13.05 -23.77
N THR B 152 19.92 11.79 -23.85
CA THR B 152 19.02 10.71 -24.22
C THR B 152 18.11 10.35 -23.06
N THR B 153 18.62 10.39 -21.83
CA THR B 153 17.77 10.24 -20.66
C THR B 153 16.66 11.29 -20.65
N TRP B 154 17.02 12.54 -20.93
CA TRP B 154 16.02 13.60 -20.96
C TRP B 154 14.97 13.35 -22.05
N GLU B 155 15.41 12.93 -23.24
CA GLU B 155 14.47 12.61 -24.31
C GLU B 155 13.45 11.58 -23.86
N ALA B 156 13.89 10.58 -23.07
CA ALA B 156 12.96 9.60 -22.55
C ALA B 156 12.06 10.22 -21.48
N MET B 157 12.59 11.14 -20.68
CA MET B 157 11.76 11.85 -19.72
C MET B 157 10.69 12.67 -20.44
N GLU B 158 11.05 13.32 -21.54
CA GLU B 158 10.08 14.11 -22.29
C GLU B 158 8.93 13.25 -22.79
N LYS B 159 9.22 12.01 -23.20
CA LYS B 159 8.16 11.12 -23.66
C LYS B 159 7.25 10.70 -22.52
N CYS B 160 7.79 10.68 -21.29
CA CYS B 160 6.94 10.45 -20.13
C CYS B 160 5.94 11.59 -19.92
N LYS B 161 6.37 12.82 -20.16
CA LYS B 161 5.45 13.95 -20.11
C LYS B 161 4.46 13.90 -21.28
N ASP B 162 4.95 13.56 -22.48
CA ASP B 162 4.08 13.44 -23.65
C ASP B 162 2.91 12.51 -23.38
N ALA B 163 3.18 11.37 -22.73
CA ALA B 163 2.15 10.37 -22.47
C ALA B 163 1.28 10.69 -21.26
N GLY B 164 1.54 11.80 -20.58
CA GLY B 164 0.76 12.16 -19.41
C GLY B 164 1.09 11.39 -18.15
N LEU B 165 2.16 10.59 -18.15
CA LEU B 165 2.55 9.87 -16.94
C LEU B 165 3.17 10.81 -15.93
N ALA B 166 3.83 11.88 -16.40
CA ALA B 166 4.34 12.93 -15.53
C ALA B 166 3.83 14.26 -16.05
N LYS B 167 3.20 15.04 -15.17
CA LYS B 167 2.72 16.36 -15.56
C LYS B 167 3.89 17.29 -15.88
N SER B 168 4.94 17.25 -15.06
CA SER B 168 6.16 18.03 -15.28
C SER B 168 7.37 17.13 -15.08
N ILE B 169 8.47 17.51 -15.74
CA ILE B 169 9.73 16.79 -15.61
C ILE B 169 10.82 17.78 -15.27
N GLY B 170 11.76 17.36 -14.42
CA GLY B 170 12.87 18.18 -14.02
C GLY B 170 14.10 17.37 -13.68
N VAL B 171 15.11 18.00 -13.06
CA VAL B 171 16.34 17.33 -12.71
C VAL B 171 16.67 17.62 -11.26
N SER B 172 17.71 16.95 -10.77
CA SER B 172 18.17 17.10 -9.40
C SER B 172 19.68 16.92 -9.36
N ASN B 173 20.34 17.74 -8.53
CA ASN B 173 21.79 17.70 -8.31
C ASN B 173 22.59 18.03 -9.57
N PHE B 174 21.99 18.79 -10.49
CA PHE B 174 22.68 19.26 -11.69
C PHE B 174 23.41 20.56 -11.38
N ASN B 175 24.62 20.69 -11.94
CA ASN B 175 25.30 21.98 -11.90
C ASN B 175 24.96 22.77 -13.16
N ARG B 176 25.57 23.96 -13.29
CA ARG B 176 25.23 24.85 -14.41
C ARG B 176 25.56 24.21 -15.75
N ARG B 177 26.71 23.58 -15.85
CA ARG B 177 27.19 22.97 -17.12
C ARG B 177 26.24 21.84 -17.53
N GLN B 178 25.78 21.09 -16.55
CA GLN B 178 24.87 19.98 -16.84
C GLN B 178 23.49 20.47 -17.22
N LEU B 179 23.04 21.59 -16.65
CA LEU B 179 21.79 22.18 -17.10
C LEU B 179 21.91 22.67 -18.54
N GLU B 180 23.02 23.34 -18.86
CA GLU B 180 23.20 23.90 -20.20
C GLU B 180 23.21 22.79 -21.26
N MET B 181 23.77 21.63 -20.93
CA MET B 181 23.77 20.52 -21.88
C MET B 181 22.35 20.08 -22.23
N ILE B 182 21.43 20.17 -21.27
CA ILE B 182 20.03 19.87 -21.55
C ILE B 182 19.38 21.03 -22.30
N LEU B 183 19.59 22.26 -21.81
CA LEU B 183 18.93 23.42 -22.38
C LEU B 183 19.35 23.67 -23.83
N ASN B 184 20.58 23.32 -24.18
CA ASN B 184 21.09 23.53 -25.53
C ASN B 184 20.95 22.29 -26.41
N LYS B 185 20.23 21.29 -25.94
CA LYS B 185 20.06 20.06 -26.70
C LYS B 185 19.30 20.35 -27.99
N PRO B 186 19.75 19.85 -29.14
CA PRO B 186 19.00 20.04 -30.38
C PRO B 186 17.63 19.36 -30.30
N GLY B 187 16.60 20.07 -30.72
CA GLY B 187 15.26 19.53 -30.70
C GLY B 187 14.63 19.43 -29.33
N LEU B 188 15.11 20.22 -28.37
CA LEU B 188 14.57 20.20 -27.01
C LEU B 188 13.05 20.40 -27.02
N LYS B 189 12.35 19.51 -26.35
CA LYS B 189 10.89 19.59 -26.26
C LYS B 189 10.45 20.36 -25.00
N TYR B 190 10.95 19.97 -23.84
CA TYR B 190 10.62 20.63 -22.59
C TYR B 190 11.90 20.94 -21.82
N LYS B 191 11.99 22.15 -21.30
CA LYS B 191 13.02 22.48 -20.34
C LYS B 191 12.69 21.82 -19.00
N PRO B 192 13.71 21.56 -18.17
CA PRO B 192 13.42 21.15 -16.79
C PRO B 192 12.65 22.24 -16.07
N VAL B 193 11.57 21.85 -15.39
CA VAL B 193 10.83 22.84 -14.61
C VAL B 193 11.60 23.23 -13.36
N CYS B 194 12.52 22.38 -12.89
CA CYS B 194 13.20 22.63 -11.63
C CYS B 194 14.51 21.88 -11.59
N ASN B 195 15.36 22.30 -10.64
CA ASN B 195 16.61 21.62 -10.31
C ASN B 195 16.66 21.51 -8.80
N GLN B 196 16.39 20.30 -8.28
CA GLN B 196 16.38 20.08 -6.83
C GLN B 196 17.81 19.85 -6.35
N VAL B 197 18.32 20.76 -5.52
CA VAL B 197 19.71 20.73 -5.07
C VAL B 197 19.78 21.00 -3.58
N GLU B 198 20.90 20.62 -2.98
CA GLU B 198 21.15 20.97 -1.58
C GLU B 198 21.28 22.48 -1.45
N CYS B 199 20.46 23.07 -0.60
CA CYS B 199 20.41 24.53 -0.48
C CYS B 199 19.99 24.89 0.94
N HIS B 200 20.85 25.64 1.62
CA HIS B 200 20.62 26.03 3.00
C HIS B 200 21.56 27.20 3.33
N PRO B 201 21.36 27.86 4.47
CA PRO B 201 22.22 29.04 4.77
C PRO B 201 23.72 28.77 4.75
N TYR B 202 24.16 27.54 4.97
CA TYR B 202 25.59 27.25 4.87
C TYR B 202 26.03 26.93 3.45
N PHE B 203 25.09 26.63 2.55
CA PHE B 203 25.37 26.37 1.14
C PHE B 203 24.14 26.85 0.38
N ASN B 204 24.15 28.11 -0.06
CA ASN B 204 22.90 28.76 -0.45
C ASN B 204 22.72 28.86 -1.96
N ARG B 205 23.72 28.47 -2.75
CA ARG B 205 23.57 28.30 -4.20
C ARG B 205 23.18 29.62 -4.88
N SER B 206 23.62 30.76 -4.34
CA SER B 206 23.20 32.05 -4.94
C SER B 206 23.51 32.15 -6.44
N LYS B 207 24.66 31.64 -6.86
CA LYS B 207 24.98 31.71 -8.29
C LYS B 207 24.08 30.73 -9.08
N LEU B 208 23.91 29.53 -8.57
CA LEU B 208 23.06 28.56 -9.25
C LEU B 208 21.61 29.05 -9.30
N LEU B 209 21.11 29.61 -8.20
CA LEU B 209 19.76 30.15 -8.18
C LEU B 209 19.59 31.24 -9.23
N ASP B 210 20.58 32.11 -9.36
CA ASP B 210 20.51 33.19 -10.34
C ASP B 210 20.47 32.64 -11.75
N PHE B 211 21.32 31.66 -12.06
CA PHE B 211 21.28 31.03 -13.38
C PHE B 211 19.92 30.39 -13.64
N CYS B 212 19.40 29.65 -12.68
CA CYS B 212 18.10 29.01 -12.86
C CYS B 212 17.00 30.04 -13.08
N LYS B 213 17.06 31.17 -12.37
CA LYS B 213 16.07 32.22 -12.58
C LYS B 213 16.16 32.80 -14.00
N SER B 214 17.38 32.94 -14.52
CA SER B 214 17.54 33.43 -15.88
C SER B 214 16.97 32.48 -16.92
N LYS B 215 16.83 31.20 -16.58
CA LYS B 215 16.31 30.20 -17.51
C LYS B 215 14.88 29.79 -17.18
N ASP B 216 14.22 30.49 -16.27
CA ASP B 216 12.87 30.14 -15.83
C ASP B 216 12.83 28.72 -15.25
N ILE B 217 13.84 28.38 -14.46
CA ILE B 217 13.94 27.10 -13.78
C ILE B 217 13.82 27.35 -12.28
N VAL B 218 12.98 26.56 -11.62
CA VAL B 218 12.79 26.69 -10.18
C VAL B 218 13.89 25.95 -9.44
N LEU B 219 14.47 26.58 -8.43
CA LEU B 219 15.39 25.89 -7.54
C LEU B 219 14.60 25.32 -6.37
N VAL B 220 14.71 24.02 -6.17
CA VAL B 220 14.06 23.33 -5.06
C VAL B 220 15.13 22.90 -4.07
N ALA B 221 15.03 23.38 -2.83
CA ALA B 221 16.04 23.16 -1.81
C ALA B 221 15.75 21.89 -1.03
N TYR B 222 16.72 20.99 -0.97
CA TYR B 222 16.70 19.89 -0.01
C TYR B 222 17.80 20.12 1.02
N SER B 223 17.71 19.36 2.12
CA SER B 223 18.56 19.57 3.28
C SER B 223 18.51 21.03 3.74
N ALA B 224 17.37 21.69 3.54
CA ALA B 224 17.09 23.11 3.92
C ALA B 224 17.18 23.30 5.44
N LEU B 225 16.98 22.23 6.19
CA LEU B 225 17.03 22.26 7.68
C LEU B 225 18.41 21.80 8.15
N GLY B 226 19.37 21.68 7.25
CA GLY B 226 20.72 21.27 7.67
C GLY B 226 21.02 19.79 7.58
N SER B 227 20.11 18.99 7.01
CA SER B 227 20.15 17.54 6.71
C SER B 227 19.81 16.69 7.93
N GLN B 228 19.76 15.38 7.71
CA GLN B 228 19.46 14.43 8.79
C GLN B 228 20.77 14.07 9.52
N ARG B 229 21.92 14.56 9.05
CA ARG B 229 23.24 14.29 9.63
C ARG B 229 23.36 12.76 9.70
N ASP B 230 22.99 12.09 8.64
CA ASP B 230 23.08 10.63 8.65
C ASP B 230 24.49 10.20 8.98
N LYS B 231 24.62 9.36 10.01
CA LYS B 231 25.93 8.94 10.50
C LYS B 231 26.74 8.22 9.44
N ARG B 232 26.10 7.70 8.39
CA ARG B 232 26.84 6.97 7.37
C ARG B 232 27.64 7.89 6.45
N TRP B 233 27.17 9.13 6.21
CA TRP B 233 27.86 9.98 5.25
C TRP B 233 27.98 11.45 5.66
N VAL B 234 27.78 11.80 6.93
CA VAL B 234 27.87 13.20 7.35
C VAL B 234 28.87 13.32 8.49
N ASP B 235 29.81 14.24 8.33
CA ASP B 235 30.82 14.56 9.34
C ASP B 235 30.14 14.92 10.67
N PRO B 236 30.34 14.15 11.73
CA PRO B 236 29.69 14.48 13.01
C PRO B 236 30.08 15.84 13.56
N ASN B 237 31.27 16.33 13.21
CA ASN B 237 31.73 17.62 13.70
C ASN B 237 31.39 18.78 12.76
N SER B 238 30.80 18.49 11.61
CA SER B 238 30.30 19.54 10.73
C SER B 238 29.28 20.40 11.48
N PRO B 239 29.16 21.69 11.13
CA PRO B 239 28.28 22.57 11.90
C PRO B 239 26.82 22.18 11.80
N VAL B 240 26.13 22.27 12.94
CA VAL B 240 24.71 21.97 13.03
C VAL B 240 23.94 23.24 12.66
N LEU B 241 23.20 23.18 11.55
CA LEU B 241 22.54 24.37 11.04
C LEU B 241 21.50 24.91 12.00
N LEU B 242 20.68 24.03 12.57
CA LEU B 242 19.58 24.48 13.43
C LEU B 242 20.06 25.00 14.78
N GLU B 243 21.34 24.86 15.10
CA GLU B 243 21.93 25.44 16.30
C GLU B 243 22.71 26.73 16.00
N ASP B 244 22.65 27.21 14.76
CA ASP B 244 23.41 28.39 14.38
C ASP B 244 22.95 29.60 15.21
N PRO B 245 23.89 30.42 15.70
CA PRO B 245 23.49 31.53 16.57
C PRO B 245 22.65 32.57 15.84
N VAL B 246 22.98 32.89 14.59
CA VAL B 246 22.23 33.90 13.85
C VAL B 246 20.79 33.44 13.65
N LEU B 247 20.59 32.17 13.28
CA LEU B 247 19.25 31.64 13.13
C LEU B 247 18.51 31.61 14.46
N CYS B 248 19.22 31.31 15.54
N CYS B 248 19.23 31.29 15.54
CA CYS B 248 18.58 31.29 16.86
CA CYS B 248 18.63 31.28 16.87
C CYS B 248 18.19 32.69 17.32
C CYS B 248 18.20 32.69 17.29
N ALA B 249 19.06 33.68 17.07
CA ALA B 249 18.72 35.06 17.40
C ALA B 249 17.51 35.53 16.61
N LEU B 250 17.46 35.22 15.31
CA LEU B 250 16.31 35.58 14.50
C LEU B 250 15.05 34.85 14.97
N ALA B 251 15.20 33.62 15.45
CA ALA B 251 14.05 32.89 15.98
C ALA B 251 13.47 33.59 17.20
N LYS B 252 14.34 34.08 18.09
CA LYS B 252 13.87 34.85 19.24
C LYS B 252 13.16 36.12 18.79
N LYS B 253 13.80 36.88 17.90
CA LYS B 253 13.24 38.14 17.41
C LYS B 253 11.81 37.96 16.92
N HIS B 254 11.56 36.95 16.10
CA HIS B 254 10.25 36.71 15.52
C HIS B 254 9.38 35.77 16.33
N LYS B 255 9.89 35.24 17.45
CA LYS B 255 9.17 34.25 18.25
C LYS B 255 8.80 33.03 17.40
N ARG B 256 9.80 32.52 16.68
CA ARG B 256 9.68 31.35 15.83
C ARG B 256 10.78 30.36 16.23
N THR B 257 10.98 29.33 15.42
CA THR B 257 12.06 28.38 15.66
C THR B 257 13.14 28.54 14.59
N PRO B 258 14.37 28.08 14.87
CA PRO B 258 15.42 28.16 13.83
C PRO B 258 15.06 27.46 12.53
N ALA B 259 14.33 26.35 12.60
CA ALA B 259 13.87 25.68 11.39
C ALA B 259 12.95 26.58 10.58
N LEU B 260 12.01 27.25 11.26
CA LEU B 260 11.10 28.14 10.56
C LEU B 260 11.82 29.32 9.92
N ILE B 261 12.91 29.79 10.54
CA ILE B 261 13.71 30.85 9.93
C ILE B 261 14.40 30.35 8.67
N ALA B 262 14.94 29.13 8.73
CA ALA B 262 15.63 28.56 7.57
C ALA B 262 14.68 28.32 6.42
N LEU B 263 13.44 27.93 6.70
CA LEU B 263 12.46 27.71 5.63
C LEU B 263 12.01 29.03 5.02
N ARG B 264 11.68 30.01 5.87
CA ARG B 264 11.24 31.31 5.39
C ARG B 264 12.31 31.97 4.53
N TYR B 265 13.58 31.81 4.90
CA TYR B 265 14.70 32.31 4.11
C TYR B 265 14.55 31.92 2.63
N GLN B 266 14.38 30.63 2.37
CA GLN B 266 14.27 30.15 0.99
C GLN B 266 13.06 30.74 0.29
N LEU B 267 11.91 30.79 0.98
CA LEU B 267 10.69 31.28 0.35
C LEU B 267 10.84 32.72 -0.13
N GLN B 268 11.57 33.54 0.63
CA GLN B 268 11.69 34.96 0.29
C GLN B 268 12.78 35.24 -0.75
N ARG B 269 13.67 34.28 -1.01
CA ARG B 269 14.61 34.39 -2.12
C ARG B 269 14.12 33.65 -3.36
N GLY B 270 12.83 33.29 -3.39
CA GLY B 270 12.24 32.66 -4.55
C GLY B 270 12.54 31.19 -4.72
N VAL B 271 12.91 30.49 -3.65
CA VAL B 271 13.26 29.07 -3.70
C VAL B 271 12.12 28.25 -3.13
N VAL B 272 11.77 27.17 -3.82
CA VAL B 272 10.85 26.17 -3.27
C VAL B 272 11.62 25.31 -2.29
N VAL B 273 11.07 25.13 -1.09
CA VAL B 273 11.81 24.54 0.02
C VAL B 273 11.13 23.25 0.45
N LEU B 274 11.95 22.22 0.66
CA LEU B 274 11.49 20.95 1.23
C LEU B 274 11.82 20.91 2.71
N ALA B 275 11.08 20.07 3.44
CA ALA B 275 11.29 19.94 4.88
C ALA B 275 10.85 18.55 5.30
N LYS B 276 11.81 17.71 5.69
CA LYS B 276 11.53 16.39 6.22
C LYS B 276 11.35 16.45 7.73
N SER B 277 10.29 15.81 8.22
CA SER B 277 10.16 15.52 9.64
C SER B 277 9.26 14.30 9.79
N TYR B 278 9.68 13.35 10.62
CA TYR B 278 8.86 12.21 10.98
C TYR B 278 8.25 12.37 12.37
N ASN B 279 8.22 13.60 12.88
CA ASN B 279 7.68 13.93 14.19
C ASN B 279 6.47 14.83 14.00
N GLU B 280 5.32 14.43 14.56
CA GLU B 280 4.07 15.12 14.28
C GLU B 280 4.14 16.61 14.63
N GLN B 281 4.70 16.94 15.80
CA GLN B 281 4.72 18.32 16.24
C GLN B 281 5.58 19.19 15.32
N ARG B 282 6.73 18.68 14.89
CA ARG B 282 7.58 19.44 14.00
C ARG B 282 6.98 19.52 12.59
N ILE B 283 6.28 18.47 12.17
CA ILE B 283 5.53 18.53 10.91
C ILE B 283 4.52 19.68 10.96
N ARG B 284 3.75 19.75 12.03
CA ARG B 284 2.73 20.79 12.14
C ARG B 284 3.36 22.17 12.33
N GLN B 285 4.51 22.24 12.99
CA GLN B 285 5.19 23.52 13.17
C GLN B 285 5.66 24.10 11.84
N ASN B 286 6.13 23.22 10.93
CA ASN B 286 6.80 23.70 9.73
C ASN B 286 5.86 24.46 8.80
N VAL B 287 4.56 24.18 8.83
CA VAL B 287 3.63 24.91 7.98
C VAL B 287 3.37 26.32 8.46
N GLN B 288 3.83 26.67 9.67
CA GLN B 288 3.75 28.04 10.15
C GLN B 288 4.73 28.97 9.44
N VAL B 289 5.47 28.47 8.46
CA VAL B 289 6.42 29.31 7.72
C VAL B 289 5.70 30.46 7.01
N PHE B 290 4.41 30.28 6.70
CA PHE B 290 3.65 31.29 5.98
C PHE B 290 3.11 32.40 6.87
N GLU B 291 3.33 32.34 8.18
CA GLU B 291 2.69 33.23 9.12
C GLU B 291 3.52 34.46 9.48
N PHE B 292 4.74 34.58 8.96
CA PHE B 292 5.61 35.69 9.29
C PHE B 292 6.53 35.98 8.11
N GLN B 293 7.29 37.05 8.27
CA GLN B 293 8.19 37.51 7.21
C GLN B 293 9.52 38.00 7.79
N LEU B 294 10.61 37.68 7.11
CA LEU B 294 11.92 38.19 7.50
C LEU B 294 12.17 39.54 6.86
N THR B 295 12.77 40.45 7.62
CA THR B 295 13.14 41.74 7.05
C THR B 295 14.28 41.58 6.06
N ALA B 296 14.45 42.59 5.21
CA ALA B 296 15.55 42.58 4.26
C ALA B 296 16.89 42.44 4.97
N GLU B 297 17.03 43.07 6.14
CA GLU B 297 18.26 42.94 6.91
C GLU B 297 18.35 41.58 7.60
N ASP B 298 17.20 40.96 7.92
CA ASP B 298 17.23 39.56 8.34
C ASP B 298 17.85 38.68 7.26
N MET B 299 17.47 38.92 6.00
CA MET B 299 17.95 38.08 4.90
C MET B 299 19.45 38.28 4.68
N LYS B 300 19.95 39.53 4.79
CA LYS B 300 21.38 39.74 4.64
C LYS B 300 22.16 38.98 5.71
N ALA B 301 21.63 38.95 6.93
CA ALA B 301 22.29 38.21 8.01
C ALA B 301 22.38 36.73 7.68
N ILE B 302 21.29 36.16 7.14
CA ILE B 302 21.31 34.77 6.73
C ILE B 302 22.22 34.57 5.52
N ASP B 303 22.19 35.52 4.57
CA ASP B 303 23.10 35.46 3.43
C ASP B 303 24.54 35.35 3.88
N GLY B 304 24.91 36.05 4.95
CA GLY B 304 26.28 36.06 5.45
C GLY B 304 26.77 34.72 5.97
N LEU B 305 25.87 33.74 6.15
CA LEU B 305 26.25 32.46 6.73
C LEU B 305 26.82 31.47 5.71
N ASP B 306 26.71 31.78 4.43
CA ASP B 306 27.20 30.89 3.35
C ASP B 306 28.66 30.51 3.57
N ARG B 307 28.98 29.22 3.70
CA ARG B 307 30.35 28.76 3.87
C ARG B 307 30.72 27.64 2.90
N ASN B 308 29.91 27.38 1.88
CA ASN B 308 30.20 26.37 0.87
C ASN B 308 30.39 24.98 1.50
N LEU B 309 29.44 24.61 2.35
CA LEU B 309 29.48 23.33 3.07
C LEU B 309 28.39 22.43 2.54
N HIS B 310 28.78 21.30 1.93
CA HIS B 310 27.81 20.27 1.56
C HIS B 310 27.71 19.25 2.68
N TYR B 311 26.49 18.96 3.10
CA TYR B 311 26.32 17.88 4.05
C TYR B 311 26.38 16.52 3.36
N PHE B 312 26.15 16.51 2.07
CA PHE B 312 26.50 15.31 1.27
C PHE B 312 27.97 15.48 0.89
N ASN B 313 28.82 14.55 1.30
CA ASN B 313 30.20 14.50 0.83
C ASN B 313 30.65 13.04 0.90
N SER B 314 30.56 12.35 -0.24
CA SER B 314 31.03 10.98 -0.36
C SER B 314 32.32 10.99 -1.17
N ASP B 315 33.39 10.41 -0.59
CA ASP B 315 34.67 10.37 -1.28
C ASP B 315 34.58 9.66 -2.62
N SER B 316 33.82 8.56 -2.67
CA SER B 316 33.82 7.70 -3.85
C SER B 316 33.38 8.46 -5.10
N PHE B 317 32.25 9.17 -5.03
CA PHE B 317 31.65 9.75 -6.22
C PHE B 317 32.39 10.96 -6.76
N ALA B 318 33.34 11.51 -6.01
CA ALA B 318 34.14 12.63 -6.50
C ALA B 318 34.74 12.35 -7.87
N SER B 319 35.14 11.10 -8.12
CA SER B 319 35.78 10.72 -9.37
C SER B 319 34.79 10.50 -10.52
N HIS B 320 33.49 10.46 -10.24
CA HIS B 320 32.51 10.26 -11.31
C HIS B 320 32.60 11.40 -12.31
N PRO B 321 32.59 11.11 -13.62
CA PRO B 321 32.69 12.20 -14.61
C PRO B 321 31.59 13.25 -14.47
N ASN B 322 30.43 12.89 -13.94
CA ASN B 322 29.32 13.82 -13.78
C ASN B 322 29.17 14.31 -12.34
N TYR B 323 30.22 14.23 -11.54
CA TYR B 323 30.21 14.78 -10.20
C TYR B 323 29.87 16.27 -10.27
N PRO B 324 28.77 16.71 -9.66
CA PRO B 324 28.30 18.08 -9.92
C PRO B 324 29.13 19.16 -9.25
N TYR B 325 29.80 18.85 -8.15
CA TYR B 325 30.56 19.87 -7.43
C TYR B 325 31.98 20.01 -7.99
#